data_4HY1
#
_entry.id   4HY1
#
_cell.length_a   44.164
_cell.length_b   130.282
_cell.length_c   80.270
_cell.angle_alpha   90.00
_cell.angle_beta   98.12
_cell.angle_gamma   90.00
#
_symmetry.space_group_name_H-M   'P 1 21 1'
#
loop_
_entity.id
_entity.type
_entity.pdbx_description
1 polymer 'Topoisomerase IV, subunit B'
2 non-polymer 6-({4-[(3R)-3-aminopyrrolidin-1-yl]-5-chloro-6-ethyl-7H-pyrrolo[2,3-d]pyrimidin-2-yl}sulfanyl)-1H-isoindol-1-one
3 water water
#
_entity_poly.entity_id   1
_entity_poly.type   'polypeptide(L)'
_entity_poly.pdbx_seq_one_letter_code
;MQNYNAKSIEVLTGLDPVKKRPGMYTNIENPNHLIQEIIDNSVDEVLAGFASKINITLYEDNSIEVADDGRGMPVDIHPE
HKMSGIELIMTKLHSGGKFSNKNYTHSGGLHGVGVSVVNALSTRLEAEIKRDGNVYHIVFEDGFKTKDLEIIDNVGKKNT
GTKIRFWPNKKYFDDIKVNFKALKNLLEAKAILCKALTIKYSNEIKKEKLTWHFETGLKGYLDHKLEAETLPAEPFIIDN
FSNGDSYLDAVFCWCEDPSESIKNSYVNLIPTPQDGTHVTGLKNGIYDAIKAYIEKNSLSVKNIKITANDSFAQLNYVIS
VKITNPQFAGQTKEKLSNKDVTNFVATAVKDLLTIWLNQNPDEARQIVENISKVAQKRINADLEHHHHHH
;
_entity_poly.pdbx_strand_id   A,B
#
loop_
_chem_comp.id
_chem_comp.type
_chem_comp.name
_chem_comp.formula
19X non-polymer 6-({4-[(3R)-3-aminopyrrolidin-1-yl]-5-chloro-6-ethyl-7H-pyrrolo[2,3-d]pyrimidin-2-yl}sulfanyl)-1H-isoindol-1-one 'C20 H19 Cl N6 O S'
#
# COMPACT_ATOMS: atom_id res chain seq x y z
N LYS A 7 -6.06 -9.97 24.09
CA LYS A 7 -7.22 -10.43 23.27
C LYS A 7 -8.58 -10.08 23.92
N SER A 8 -8.82 -8.80 24.21
CA SER A 8 -10.11 -8.37 24.83
C SER A 8 -11.35 -8.62 23.96
N ILE A 9 -11.23 -8.36 22.67
CA ILE A 9 -12.27 -8.70 21.70
C ILE A 9 -11.73 -9.75 20.73
N GLU A 10 -12.51 -10.84 20.49
CA GLU A 10 -12.10 -11.88 19.53
C GLU A 10 -13.26 -12.07 18.63
N VAL A 11 -13.01 -12.12 17.32
CA VAL A 11 -14.05 -12.08 16.30
C VAL A 11 -13.81 -13.26 15.32
N LEU A 12 -14.88 -13.93 14.89
CA LEU A 12 -14.80 -14.99 13.85
C LEU A 12 -15.98 -14.76 12.94
N THR A 13 -15.72 -14.59 11.65
CA THR A 13 -16.79 -14.46 10.64
C THR A 13 -16.54 -15.45 9.48
N GLY A 14 -17.53 -15.57 8.59
CA GLY A 14 -17.35 -16.24 7.30
C GLY A 14 -16.52 -15.37 6.35
N LEU A 15 -16.37 -15.86 5.12
CA LEU A 15 -15.44 -15.28 4.13
C LEU A 15 -16.14 -14.34 3.17
N ASP A 16 -17.44 -14.13 3.39
CA ASP A 16 -18.22 -13.29 2.46
C ASP A 16 -17.64 -11.88 2.23
N PRO A 17 -17.16 -11.23 3.31
CA PRO A 17 -16.52 -9.92 3.15
C PRO A 17 -15.34 -9.91 2.15
N VAL A 18 -14.54 -10.98 2.16
CA VAL A 18 -13.39 -11.10 1.28
C VAL A 18 -13.85 -11.26 -0.16
N LYS A 19 -14.88 -12.09 -0.33
CA LYS A 19 -15.44 -12.36 -1.66
C LYS A 19 -16.14 -11.12 -2.23
N LYS A 20 -16.78 -10.34 -1.35
CA LYS A 20 -17.44 -9.08 -1.71
C LYS A 20 -16.42 -7.98 -2.10
N ARG A 21 -15.35 -7.83 -1.32
CA ARG A 21 -14.33 -6.83 -1.64
C ARG A 21 -12.90 -7.40 -1.65
N PRO A 22 -12.59 -8.26 -2.63
CA PRO A 22 -11.30 -8.92 -2.72
C PRO A 22 -10.17 -7.90 -2.69
N GLY A 23 -10.39 -6.76 -3.36
CA GLY A 23 -9.39 -5.64 -3.35
C GLY A 23 -8.95 -5.10 -1.98
N MET A 24 -9.75 -5.34 -0.95
CA MET A 24 -9.36 -4.88 0.39
CA MET A 24 -9.40 -4.91 0.42
C MET A 24 -8.49 -5.91 1.12
N TYR A 25 -8.33 -7.09 0.53
CA TYR A 25 -7.64 -8.20 1.22
C TYR A 25 -6.45 -8.71 0.42
N THR A 26 -6.38 -8.31 -0.87
CA THR A 26 -5.34 -8.75 -1.75
C THR A 26 -5.17 -7.73 -2.86
N ASN A 27 -4.06 -7.82 -3.55
CA ASN A 27 -3.82 -7.01 -4.74
C ASN A 27 -4.36 -7.89 -5.83
N ILE A 28 -5.46 -7.45 -6.44
CA ILE A 28 -6.16 -8.30 -7.42
C ILE A 28 -5.53 -8.30 -8.85
N GLU A 29 -4.42 -7.58 -9.05
CA GLU A 29 -3.80 -7.61 -10.40
C GLU A 29 -3.35 -9.02 -10.80
N ASN A 30 -3.00 -9.85 -9.83
CA ASN A 30 -2.62 -11.22 -10.14
C ASN A 30 -2.67 -11.92 -8.79
N PRO A 31 -2.38 -13.23 -8.74
CA PRO A 31 -2.38 -13.97 -7.44
C PRO A 31 -1.11 -13.88 -6.63
N ASN A 32 -0.15 -13.05 -7.02
CA ASN A 32 1.13 -12.97 -6.27
C ASN A 32 0.93 -12.67 -4.79
N HIS A 33 0.08 -11.71 -4.47
CA HIS A 33 -0.18 -11.42 -3.03
C HIS A 33 -0.73 -12.59 -2.27
N LEU A 34 -1.59 -13.40 -2.91
CA LEU A 34 -2.04 -14.63 -2.23
C LEU A 34 -0.89 -15.58 -1.92
N ILE A 35 0.03 -15.73 -2.89
CA ILE A 35 1.20 -16.55 -2.67
C ILE A 35 1.98 -16.00 -1.46
N GLN A 36 2.19 -14.69 -1.42
CA GLN A 36 2.92 -14.04 -0.31
CA GLN A 36 2.94 -14.06 -0.29
C GLN A 36 2.26 -14.42 1.03
N GLU A 37 0.91 -14.41 1.06
CA GLU A 37 0.20 -14.68 2.33
C GLU A 37 0.55 -16.09 2.81
N ILE A 38 0.51 -17.11 1.92
CA ILE A 38 0.78 -18.47 2.36
C ILE A 38 2.24 -18.52 2.82
N ILE A 39 3.13 -17.90 2.04
CA ILE A 39 4.56 -17.91 2.39
C ILE A 39 4.78 -17.27 3.79
N ASP A 40 4.09 -16.16 4.05
CA ASP A 40 4.22 -15.50 5.36
C ASP A 40 3.87 -16.43 6.53
N ASN A 41 2.87 -17.28 6.33
CA ASN A 41 2.51 -18.24 7.36
C ASN A 41 3.56 -19.35 7.56
N SER A 42 4.18 -19.84 6.48
CA SER A 42 5.27 -20.81 6.66
C SER A 42 6.44 -20.06 7.33
N VAL A 43 6.67 -18.80 6.91
CA VAL A 43 7.79 -18.00 7.54
C VAL A 43 7.63 -17.90 9.07
N ASP A 44 6.39 -17.81 9.54
CA ASP A 44 6.15 -17.74 10.98
C ASP A 44 6.66 -19.02 11.64
N GLU A 45 6.49 -20.18 10.99
CA GLU A 45 7.15 -21.42 11.54
C GLU A 45 8.69 -21.35 11.61
N VAL A 46 9.31 -20.77 10.57
CA VAL A 46 10.75 -20.57 10.49
C VAL A 46 11.21 -19.63 11.62
N LEU A 47 10.51 -18.53 11.81
CA LEU A 47 10.87 -17.58 12.88
C LEU A 47 10.64 -18.17 14.31
N ALA A 48 9.61 -19.00 14.47
CA ALA A 48 9.36 -19.74 15.71
C ALA A 48 10.43 -20.81 15.99
N GLY A 49 11.21 -21.22 15.00
CA GLY A 49 12.35 -22.11 15.18
C GLY A 49 12.10 -23.51 14.70
N PHE A 50 10.94 -23.71 14.08
CA PHE A 50 10.48 -25.05 13.78
C PHE A 50 10.64 -25.48 12.34
N ALA A 51 10.96 -24.55 11.43
CA ALA A 51 11.04 -24.84 9.99
C ALA A 51 12.32 -24.24 9.45
N SER A 52 12.83 -24.78 8.35
CA SER A 52 14.06 -24.31 7.72
C SER A 52 13.91 -24.24 6.21
N LYS A 53 12.79 -24.76 5.65
CA LYS A 53 12.61 -24.91 4.20
C LYS A 53 11.23 -24.52 3.77
N ILE A 54 11.16 -23.68 2.75
CA ILE A 54 9.92 -23.32 2.11
C ILE A 54 10.11 -23.59 0.61
N ASN A 55 9.24 -24.43 0.05
CA ASN A 55 9.35 -24.85 -1.35
C ASN A 55 8.09 -24.46 -2.10
N ILE A 56 8.29 -23.72 -3.18
CA ILE A 56 7.21 -23.12 -3.99
C ILE A 56 7.14 -23.80 -5.38
N THR A 57 5.96 -24.22 -5.80
CA THR A 57 5.86 -24.78 -7.16
C THR A 57 4.79 -24.04 -7.95
N LEU A 58 5.12 -23.61 -9.15
CA LEU A 58 4.12 -23.04 -10.03
C LEU A 58 3.77 -24.09 -11.11
N TYR A 59 2.52 -24.52 -11.11
CA TYR A 59 2.03 -25.52 -12.03
C TYR A 59 1.52 -24.96 -13.34
N GLU A 60 1.42 -25.84 -14.34
CA GLU A 60 0.95 -25.41 -15.66
C GLU A 60 -0.53 -25.07 -15.70
N ASP A 61 -1.34 -25.72 -14.87
CA ASP A 61 -2.75 -25.31 -14.66
C ASP A 61 -2.96 -23.97 -13.89
N ASN A 62 -1.87 -23.23 -13.65
CA ASN A 62 -1.83 -21.94 -12.92
C ASN A 62 -2.07 -21.98 -11.39
N SER A 63 -2.05 -23.18 -10.85
CA SER A 63 -2.10 -23.37 -9.40
C SER A 63 -0.73 -23.12 -8.80
N ILE A 64 -0.72 -22.90 -7.49
CA ILE A 64 0.51 -22.59 -6.78
C ILE A 64 0.50 -23.54 -5.60
N GLU A 65 1.65 -24.14 -5.34
CA GLU A 65 1.83 -24.95 -4.13
C GLU A 65 2.98 -24.37 -3.31
N VAL A 66 2.73 -24.27 -2.02
CA VAL A 66 3.76 -23.91 -1.01
C VAL A 66 3.86 -25.02 0.04
N ALA A 67 5.09 -25.40 0.34
CA ALA A 67 5.29 -26.44 1.34
C ALA A 67 6.44 -26.06 2.28
N ASP A 68 6.27 -26.42 3.55
CA ASP A 68 7.28 -26.18 4.58
C ASP A 68 7.53 -27.44 5.42
N ASP A 69 8.59 -27.42 6.23
CA ASP A 69 8.91 -28.47 7.20
C ASP A 69 8.69 -28.00 8.65
N GLY A 70 7.67 -27.14 8.86
CA GLY A 70 7.23 -26.70 10.17
C GLY A 70 6.53 -27.81 10.95
N ARG A 71 5.84 -27.43 12.02
CA ARG A 71 5.25 -28.44 12.95
C ARG A 71 4.07 -29.18 12.34
N GLY A 72 3.48 -28.56 11.31
CA GLY A 72 2.24 -29.05 10.66
C GLY A 72 1.06 -28.34 11.29
N MET A 73 0.21 -27.73 10.45
CA MET A 73 -0.97 -27.00 10.94
C MET A 73 -1.82 -27.89 11.86
N PRO A 74 -2.34 -27.31 12.96
CA PRO A 74 -2.98 -28.18 13.98
C PRO A 74 -4.26 -28.80 13.41
N VAL A 75 -4.52 -30.04 13.78
CA VAL A 75 -5.71 -30.78 13.31
C VAL A 75 -6.70 -31.08 14.44
N ASP A 76 -6.31 -30.79 15.68
CA ASP A 76 -7.19 -30.99 16.84
C ASP A 76 -8.56 -30.34 16.73
N ILE A 77 -9.58 -31.03 17.23
CA ILE A 77 -10.97 -30.52 17.17
C ILE A 77 -11.14 -29.43 18.23
N HIS A 78 -11.55 -28.26 17.79
CA HIS A 78 -11.71 -27.16 18.68
C HIS A 78 -13.03 -27.40 19.42
N PRO A 79 -12.95 -27.45 20.77
CA PRO A 79 -14.08 -27.81 21.65
C PRO A 79 -15.32 -26.96 21.43
N GLU A 80 -15.13 -25.71 21.04
CA GLU A 80 -16.25 -24.80 20.87
C GLU A 80 -16.79 -24.83 19.45
N HIS A 81 -15.91 -24.77 18.46
CA HIS A 81 -16.37 -24.64 17.09
C HIS A 81 -16.53 -25.97 16.43
N LYS A 82 -16.11 -27.04 17.14
CA LYS A 82 -16.36 -28.45 16.75
C LYS A 82 -15.80 -28.80 15.38
N MET A 83 -14.55 -28.45 15.18
CA MET A 83 -13.99 -28.40 13.84
C MET A 83 -12.50 -28.52 14.05
N SER A 84 -11.79 -29.19 13.14
CA SER A 84 -10.34 -29.31 13.28
C SER A 84 -9.73 -27.92 13.22
N GLY A 85 -8.51 -27.76 13.76
CA GLY A 85 -7.81 -26.46 13.68
C GLY A 85 -7.69 -26.02 12.24
N ILE A 86 -7.28 -26.94 11.35
CA ILE A 86 -7.06 -26.53 9.96
C ILE A 86 -8.36 -26.03 9.31
N GLU A 87 -9.50 -26.71 9.57
CA GLU A 87 -10.74 -26.17 9.01
C GLU A 87 -11.09 -24.76 9.52
N LEU A 88 -10.91 -24.56 10.81
CA LEU A 88 -11.19 -23.30 11.51
C LEU A 88 -10.35 -22.17 10.91
N ILE A 89 -9.06 -22.43 10.77
CA ILE A 89 -8.12 -21.47 10.19
C ILE A 89 -8.44 -21.09 8.76
N MET A 90 -8.81 -22.10 7.95
CA MET A 90 -9.09 -21.88 6.53
C MET A 90 -10.44 -21.33 6.15
N THR A 91 -11.49 -21.59 6.93
CA THR A 91 -12.87 -21.27 6.50
C THR A 91 -13.45 -20.03 7.23
N LYS A 92 -12.67 -19.36 8.08
CA LYS A 92 -13.19 -18.24 8.87
C LYS A 92 -12.19 -17.13 8.91
N LEU A 93 -12.68 -15.89 8.98
CA LEU A 93 -11.83 -14.74 9.20
C LEU A 93 -11.70 -14.55 10.66
N HIS A 94 -10.46 -14.57 11.16
CA HIS A 94 -10.18 -14.40 12.58
C HIS A 94 -9.58 -13.02 12.79
N SER A 95 -10.07 -12.30 13.78
CA SER A 95 -9.49 -10.99 14.17
C SER A 95 -9.76 -10.75 15.64
N GLY A 96 -9.08 -9.76 16.19
CA GLY A 96 -9.48 -9.24 17.47
C GLY A 96 -8.65 -8.00 17.72
N GLY A 97 -8.75 -7.50 18.96
CA GLY A 97 -7.92 -6.39 19.40
C GLY A 97 -8.29 -5.98 20.81
N LYS A 98 -7.77 -4.85 21.26
CA LYS A 98 -8.03 -4.38 22.62
C LYS A 98 -9.37 -3.63 22.75
N PHE A 99 -9.74 -2.86 21.74
CA PHE A 99 -10.98 -2.07 21.70
C PHE A 99 -11.46 -2.04 20.26
N SER A 100 -12.76 -1.86 20.05
CA SER A 100 -13.25 -1.85 18.67
C SER A 100 -12.83 -0.58 17.91
N ASN A 101 -12.77 -0.68 16.59
CA ASN A 101 -12.15 0.34 15.76
C ASN A 101 -13.13 0.99 14.78
N GLY A 108 -10.63 -4.87 6.54
CA GLY A 108 -9.72 -5.71 5.74
C GLY A 108 -8.25 -5.33 5.88
N GLY A 109 -7.48 -5.48 4.82
CA GLY A 109 -6.03 -5.21 4.97
C GLY A 109 -5.22 -6.24 4.26
N LEU A 110 -4.00 -5.87 3.89
CA LEU A 110 -3.21 -6.79 3.08
C LEU A 110 -2.37 -7.70 3.96
N HIS A 111 -2.31 -7.44 5.24
CA HIS A 111 -1.50 -8.29 6.15
C HIS A 111 -2.23 -8.38 7.42
N GLY A 112 -1.92 -9.40 8.21
CA GLY A 112 -2.55 -9.61 9.49
C GLY A 112 -3.98 -10.12 9.49
N VAL A 113 -4.47 -10.54 8.32
CA VAL A 113 -5.88 -11.05 8.16
C VAL A 113 -5.85 -12.59 8.21
N GLY A 114 -5.02 -13.22 7.40
CA GLY A 114 -4.90 -14.68 7.58
C GLY A 114 -5.04 -15.41 6.28
N VAL A 115 -4.71 -16.69 6.28
CA VAL A 115 -4.69 -17.54 5.08
C VAL A 115 -6.05 -17.90 4.60
N SER A 116 -7.09 -17.71 5.42
CA SER A 116 -8.46 -17.92 4.90
C SER A 116 -8.77 -17.00 3.74
N VAL A 117 -8.09 -15.87 3.65
CA VAL A 117 -8.26 -14.97 2.47
C VAL A 117 -7.91 -15.73 1.18
N VAL A 118 -6.79 -16.47 1.21
CA VAL A 118 -6.40 -17.29 0.03
C VAL A 118 -7.50 -18.33 -0.31
N ASN A 119 -8.00 -18.99 0.72
CA ASN A 119 -9.13 -19.98 0.58
C ASN A 119 -10.40 -19.33 -0.07
N ALA A 120 -10.79 -18.19 0.47
CA ALA A 120 -11.96 -17.45 -0.03
C ALA A 120 -11.85 -17.16 -1.50
N LEU A 121 -10.64 -16.87 -1.98
CA LEU A 121 -10.47 -16.34 -3.34
C LEU A 121 -9.97 -17.43 -4.32
N SER A 122 -10.02 -18.68 -3.89
CA SER A 122 -9.62 -19.81 -4.72
C SER A 122 -10.83 -20.69 -5.02
N THR A 123 -10.88 -21.18 -6.26
CA THR A 123 -11.79 -22.23 -6.71
C THR A 123 -11.60 -23.49 -5.91
N ARG A 124 -10.36 -23.78 -5.56
CA ARG A 124 -10.05 -25.03 -4.89
C ARG A 124 -8.80 -24.78 -4.06
N LEU A 125 -8.71 -25.43 -2.91
CA LEU A 125 -7.52 -25.39 -2.10
C LEU A 125 -7.44 -26.75 -1.42
N GLU A 126 -6.27 -27.37 -1.51
CA GLU A 126 -5.89 -28.63 -0.83
C GLU A 126 -4.81 -28.39 0.17
N ALA A 127 -4.90 -29.08 1.29
CA ALA A 127 -3.90 -29.02 2.35
C ALA A 127 -3.48 -30.43 2.71
N GLU A 128 -2.17 -30.64 2.75
CA GLU A 128 -1.62 -31.87 3.32
C GLU A 128 -0.78 -31.52 4.54
N ILE A 129 -1.04 -32.16 5.66
CA ILE A 129 -0.32 -31.85 6.90
C ILE A 129 0.32 -33.13 7.37
N LYS A 130 1.62 -33.04 7.69
CA LYS A 130 2.33 -34.17 8.33
C LYS A 130 2.59 -33.80 9.74
N ARG A 131 2.04 -34.61 10.63
CA ARG A 131 2.08 -34.32 12.06
C ARG A 131 1.81 -35.61 12.83
N ASP A 132 2.60 -35.89 13.86
CA ASP A 132 2.32 -37.00 14.79
C ASP A 132 2.34 -38.36 14.11
N GLY A 133 3.14 -38.47 13.06
CA GLY A 133 3.26 -39.69 12.26
C GLY A 133 2.16 -39.91 11.24
N ASN A 134 1.25 -38.93 11.11
CA ASN A 134 0.10 -39.02 10.22
C ASN A 134 0.18 -38.04 9.06
N VAL A 135 -0.28 -38.44 7.90
CA VAL A 135 -0.44 -37.48 6.79
C VAL A 135 -1.93 -37.22 6.60
N TYR A 136 -2.35 -35.98 6.86
CA TYR A 136 -3.72 -35.55 6.78
C TYR A 136 -3.96 -34.80 5.51
N HIS A 137 -5.16 -34.97 4.97
CA HIS A 137 -5.51 -34.30 3.75
C HIS A 137 -6.92 -33.75 3.88
N ILE A 138 -7.13 -32.56 3.34
CA ILE A 138 -8.43 -31.90 3.37
C ILE A 138 -8.53 -31.03 2.12
N VAL A 139 -9.74 -30.83 1.64
CA VAL A 139 -9.97 -30.06 0.43
C VAL A 139 -11.04 -29.01 0.65
N PHE A 140 -10.84 -27.82 0.07
CA PHE A 140 -11.84 -26.77 0.10
C PHE A 140 -12.13 -26.33 -1.29
N GLU A 141 -13.33 -25.81 -1.50
CA GLU A 141 -13.70 -25.15 -2.74
C GLU A 141 -14.42 -23.86 -2.41
N ASP A 142 -13.95 -22.77 -2.98
CA ASP A 142 -14.54 -21.45 -2.81
C ASP A 142 -14.68 -21.13 -1.31
N GLY A 143 -13.79 -21.66 -0.46
CA GLY A 143 -13.72 -21.30 0.97
C GLY A 143 -14.51 -22.21 1.93
N PHE A 144 -15.15 -23.22 1.36
CA PHE A 144 -15.92 -24.24 2.11
C PHE A 144 -15.26 -25.59 2.01
N LYS A 145 -15.25 -26.37 3.10
CA LYS A 145 -14.68 -27.68 3.07
C LYS A 145 -15.55 -28.59 2.20
N THR A 146 -14.92 -29.37 1.31
CA THR A 146 -15.65 -30.27 0.40
C THR A 146 -15.21 -31.74 0.58
N LYS A 147 -14.04 -31.96 1.14
CA LYS A 147 -13.63 -33.31 1.53
CA LYS A 147 -13.64 -33.30 1.55
C LYS A 147 -13.13 -33.27 2.97
N ASP A 148 -13.71 -34.12 3.81
CA ASP A 148 -13.33 -34.26 5.22
C ASP A 148 -11.84 -34.47 5.46
N LEU A 149 -11.35 -33.90 6.57
CA LEU A 149 -10.00 -34.16 7.04
C LEU A 149 -9.84 -35.67 7.21
N GLU A 150 -8.86 -36.27 6.53
CA GLU A 150 -8.60 -37.70 6.72
C GLU A 150 -7.14 -38.04 6.70
N ILE A 151 -6.75 -39.06 7.46
CA ILE A 151 -5.41 -39.60 7.43
C ILE A 151 -5.24 -40.47 6.20
N ILE A 152 -4.30 -40.12 5.34
CA ILE A 152 -4.14 -40.81 4.07
C ILE A 152 -2.84 -41.64 3.98
N ASP A 153 -1.99 -41.53 4.99
CA ASP A 153 -0.70 -42.21 5.01
C ASP A 153 -0.06 -41.98 6.36
N ASN A 154 1.03 -42.69 6.61
CA ASN A 154 1.81 -42.49 7.81
C ASN A 154 3.23 -42.13 7.40
N VAL A 155 3.92 -41.42 8.30
CA VAL A 155 5.31 -40.98 8.12
C VAL A 155 6.02 -41.12 9.48
N GLY A 156 7.33 -40.93 9.52
CA GLY A 156 8.00 -40.88 10.82
C GLY A 156 7.52 -39.70 11.64
N LYS A 157 7.56 -39.82 12.97
CA LYS A 157 7.08 -38.74 13.86
C LYS A 157 7.80 -37.40 13.66
N LYS A 158 9.03 -37.45 13.16
CA LYS A 158 9.84 -36.24 12.96
C LYS A 158 9.73 -35.69 11.55
N ASN A 159 8.95 -36.35 10.72
CA ASN A 159 8.71 -35.88 9.37
C ASN A 159 7.44 -35.03 9.43
N THR A 160 7.63 -33.71 9.47
CA THR A 160 6.55 -32.77 9.69
C THR A 160 6.48 -31.63 8.69
N GLY A 161 5.31 -31.03 8.56
CA GLY A 161 5.17 -29.80 7.78
C GLY A 161 3.79 -29.64 7.18
N THR A 162 3.63 -28.61 6.37
CA THR A 162 2.35 -28.27 5.80
C THR A 162 2.59 -27.95 4.35
N LYS A 163 1.69 -28.41 3.49
CA LYS A 163 1.76 -28.20 2.05
C LYS A 163 0.35 -27.76 1.61
N ILE A 164 0.29 -26.59 0.97
CA ILE A 164 -0.94 -26.02 0.50
C ILE A 164 -0.88 -25.79 -1.00
N ARG A 165 -1.85 -26.36 -1.72
CA ARG A 165 -1.92 -26.08 -3.15
C ARG A 165 -3.23 -25.33 -3.45
N PHE A 166 -3.17 -24.29 -4.26
CA PHE A 166 -4.37 -23.49 -4.50
C PHE A 166 -4.50 -22.98 -5.91
N TRP A 167 -5.77 -22.87 -6.31
CA TRP A 167 -6.19 -22.49 -7.64
C TRP A 167 -6.97 -21.20 -7.52
N PRO A 168 -6.30 -20.03 -7.72
CA PRO A 168 -6.97 -18.72 -7.69
C PRO A 168 -8.19 -18.63 -8.63
N ASN A 169 -9.25 -18.06 -8.09
CA ASN A 169 -10.52 -17.89 -8.81
C ASN A 169 -10.50 -16.66 -9.71
N LYS A 170 -10.55 -16.90 -11.02
CA LYS A 170 -10.53 -15.84 -12.03
C LYS A 170 -11.57 -14.73 -11.83
N LYS A 171 -12.70 -15.06 -11.23
CA LYS A 171 -13.75 -14.07 -10.92
C LYS A 171 -13.22 -12.85 -10.15
N TYR A 172 -12.18 -13.06 -9.34
CA TYR A 172 -11.67 -11.99 -8.47
C TYR A 172 -10.39 -11.33 -8.98
N PHE A 173 -9.74 -11.89 -10.00
CA PHE A 173 -8.45 -11.35 -10.43
C PHE A 173 -8.41 -10.77 -11.85
N ASP A 174 -7.68 -9.68 -12.04
CA ASP A 174 -7.34 -9.17 -13.38
C ASP A 174 -6.67 -10.22 -14.25
N ASP A 175 -5.69 -10.91 -13.69
CA ASP A 175 -4.96 -11.96 -14.41
C ASP A 175 -4.72 -13.09 -13.41
N ILE A 176 -4.98 -14.34 -13.79
CA ILE A 176 -4.67 -15.44 -12.89
C ILE A 176 -3.28 -16.02 -13.14
N LYS A 177 -2.54 -15.40 -14.08
CA LYS A 177 -1.16 -15.80 -14.30
C LYS A 177 -0.28 -15.12 -13.26
N VAL A 178 0.56 -15.94 -12.63
CA VAL A 178 1.47 -15.51 -11.58
C VAL A 178 2.56 -14.72 -12.25
N ASN A 179 2.96 -13.61 -11.65
CA ASN A 179 4.01 -12.76 -12.19
C ASN A 179 5.33 -13.35 -11.70
N PHE A 180 6.02 -14.08 -12.57
CA PHE A 180 7.22 -14.84 -12.19
C PHE A 180 8.31 -13.97 -11.61
N LYS A 181 8.60 -12.86 -12.28
CA LYS A 181 9.73 -12.00 -11.87
C LYS A 181 9.46 -11.37 -10.49
N ALA A 182 8.24 -10.90 -10.26
CA ALA A 182 7.93 -10.29 -8.97
C ALA A 182 7.98 -11.38 -7.88
N LEU A 183 7.58 -12.60 -8.19
CA LEU A 183 7.67 -13.64 -7.16
C LEU A 183 9.11 -13.98 -6.82
N LYS A 184 9.96 -14.11 -7.84
CA LYS A 184 11.37 -14.40 -7.58
C LYS A 184 12.01 -13.28 -6.77
N ASN A 185 11.73 -12.03 -7.12
CA ASN A 185 12.23 -10.87 -6.32
C ASN A 185 11.84 -10.96 -4.84
N LEU A 186 10.59 -11.37 -4.57
CA LEU A 186 10.11 -11.43 -3.20
C LEU A 186 10.81 -12.58 -2.44
N LEU A 187 10.97 -13.73 -3.08
CA LEU A 187 11.62 -14.86 -2.44
C LEU A 187 13.08 -14.51 -2.11
N GLU A 188 13.76 -13.82 -3.00
CA GLU A 188 15.17 -13.54 -2.79
C GLU A 188 15.23 -12.63 -1.57
N ALA A 189 14.32 -11.68 -1.49
CA ALA A 189 14.31 -10.73 -0.39
C ALA A 189 14.16 -11.47 0.93
N LYS A 190 13.21 -12.40 1.00
CA LYS A 190 13.02 -13.12 2.26
C LYS A 190 14.24 -13.96 2.62
N ALA A 191 14.84 -14.64 1.64
CA ALA A 191 15.98 -15.50 1.94
C ALA A 191 17.15 -14.63 2.48
N ILE A 192 17.36 -13.48 1.88
CA ILE A 192 18.46 -12.52 2.34
C ILE A 192 18.27 -12.19 3.82
N LEU A 193 17.01 -12.01 4.25
CA LEU A 193 16.73 -11.58 5.64
C LEU A 193 16.70 -12.72 6.67
N CYS A 194 16.93 -13.95 6.25
CA CYS A 194 16.75 -15.09 7.17
C CYS A 194 17.74 -16.20 6.85
N LYS A 195 18.91 -16.17 7.49
CA LYS A 195 19.90 -17.22 7.23
C LYS A 195 19.45 -18.69 7.63
N ALA A 196 18.46 -18.83 8.52
CA ALA A 196 17.94 -20.20 8.84
C ALA A 196 17.11 -20.82 7.71
N LEU A 197 16.86 -20.06 6.64
CA LEU A 197 15.90 -20.50 5.63
C LEU A 197 16.56 -20.82 4.30
N THR A 198 16.05 -21.86 3.64
CA THR A 198 16.41 -22.14 2.28
C THR A 198 15.07 -22.14 1.53
N ILE A 199 14.99 -21.37 0.45
CA ILE A 199 13.76 -21.33 -0.34
C ILE A 199 14.08 -22.00 -1.69
N LYS A 200 13.18 -22.87 -2.12
CA LYS A 200 13.25 -23.47 -3.44
C LYS A 200 11.99 -23.12 -4.21
N TYR A 201 12.19 -22.86 -5.51
CA TYR A 201 11.17 -22.49 -6.47
C TYR A 201 11.29 -23.38 -7.71
N SER A 202 10.16 -23.87 -8.17
CA SER A 202 10.10 -24.65 -9.40
C SER A 202 8.98 -24.07 -10.23
N ASN A 203 9.31 -23.58 -11.42
CA ASN A 203 8.34 -23.02 -12.31
C ASN A 203 8.10 -24.06 -13.42
N GLU A 204 6.96 -24.74 -13.37
CA GLU A 204 6.73 -25.83 -14.34
C GLU A 204 6.31 -25.30 -15.68
N ILE A 205 6.03 -24.01 -15.75
CA ILE A 205 5.62 -23.37 -16.98
C ILE A 205 6.88 -23.06 -17.80
N LYS A 206 7.84 -22.43 -17.14
CA LYS A 206 9.08 -22.02 -17.78
C LYS A 206 10.15 -23.11 -17.75
N LYS A 207 9.92 -24.19 -17.01
CA LYS A 207 10.94 -25.22 -16.69
C LYS A 207 12.19 -24.60 -16.07
N GLU A 208 11.98 -23.86 -14.98
CA GLU A 208 13.13 -23.40 -14.21
C GLU A 208 13.04 -23.72 -12.71
N LYS A 209 14.23 -23.82 -12.08
CA LYS A 209 14.36 -24.05 -10.66
C LYS A 209 15.38 -23.10 -10.10
N LEU A 210 15.05 -22.54 -8.96
CA LEU A 210 16.00 -21.72 -8.20
C LEU A 210 16.02 -22.18 -6.77
N THR A 211 17.17 -21.98 -6.12
CA THR A 211 17.31 -22.17 -4.73
C THR A 211 18.01 -20.89 -4.16
N TRP A 212 17.45 -20.34 -3.10
CA TRP A 212 18.11 -19.24 -2.34
C TRP A 212 18.47 -19.67 -0.97
N HIS A 213 19.68 -19.32 -0.53
CA HIS A 213 20.04 -19.47 0.82
C HIS A 213 21.23 -18.56 1.08
N PHE A 214 21.05 -17.60 2.00
CA PHE A 214 22.07 -16.56 2.20
C PHE A 214 22.76 -16.75 3.54
N GLU A 215 23.87 -17.47 3.51
CA GLU A 215 24.60 -17.76 4.73
C GLU A 215 25.02 -16.46 5.41
N THR A 216 25.26 -15.45 4.59
CA THR A 216 25.84 -14.20 5.02
C THR A 216 24.75 -13.14 5.10
N GLY A 217 23.49 -13.52 4.85
CA GLY A 217 22.38 -12.59 5.08
C GLY A 217 22.51 -11.33 4.24
N LEU A 218 22.45 -10.15 4.90
CA LEU A 218 22.49 -8.86 4.21
C LEU A 218 23.87 -8.34 3.76
N LYS A 219 24.92 -8.93 4.31
CA LYS A 219 26.30 -8.60 3.94
C LYS A 219 26.51 -8.51 2.43
N GLY A 220 26.88 -7.32 1.96
CA GLY A 220 27.16 -7.09 0.53
C GLY A 220 25.97 -6.58 -0.25
N TYR A 221 24.78 -6.59 0.38
CA TYR A 221 23.59 -6.27 -0.37
C TYR A 221 23.51 -4.82 -0.86
N LEU A 222 23.67 -3.88 0.08
CA LEU A 222 23.74 -2.48 -0.23
C LEU A 222 24.86 -2.11 -1.21
N ASP A 223 26.04 -2.72 -1.02
CA ASP A 223 27.19 -2.59 -1.91
C ASP A 223 26.77 -2.91 -3.35
N HIS A 224 26.06 -4.03 -3.52
CA HIS A 224 25.61 -4.53 -4.82
C HIS A 224 24.60 -3.59 -5.43
N LYS A 225 23.67 -3.08 -4.61
CA LYS A 225 22.59 -2.25 -5.11
C LYS A 225 22.99 -0.81 -5.38
N LEU A 226 24.00 -0.35 -4.64
CA LEU A 226 24.41 1.03 -4.71
C LEU A 226 25.57 1.36 -5.65
N GLU A 227 26.80 0.96 -5.33
CA GLU A 227 28.00 1.72 -5.79
C GLU A 227 27.74 2.54 -7.04
N ALA A 228 27.76 3.88 -7.02
CA ALA A 228 28.11 4.88 -5.95
C ALA A 228 28.82 4.57 -4.61
N GLU A 229 29.70 5.50 -4.24
CA GLU A 229 30.43 5.46 -2.97
C GLU A 229 29.47 5.73 -1.82
N THR A 230 29.72 5.08 -0.70
CA THR A 230 28.85 5.23 0.45
C THR A 230 29.69 5.55 1.66
N LEU A 231 29.03 6.08 2.68
CA LEU A 231 29.66 6.27 4.01
C LEU A 231 28.83 5.56 5.06
N PRO A 232 29.44 4.65 5.83
CA PRO A 232 30.76 4.05 5.71
C PRO A 232 30.94 3.39 4.35
N ALA A 233 32.20 3.27 3.91
CA ALA A 233 32.54 2.58 2.65
C ALA A 233 31.99 1.15 2.66
N GLU A 234 32.08 0.53 3.83
CA GLU A 234 31.48 -0.76 4.12
C GLU A 234 30.18 -0.47 4.84
N PRO A 235 29.00 -0.73 4.21
CA PRO A 235 27.80 -0.34 4.96
C PRO A 235 27.72 -0.97 6.33
N PHE A 236 27.15 -0.23 7.25
CA PHE A 236 27.10 -0.63 8.65
C PHE A 236 26.07 -1.70 8.89
N ILE A 237 26.48 -2.80 9.53
CA ILE A 237 25.54 -3.92 9.72
C ILE A 237 25.23 -4.09 11.19
N ILE A 238 23.94 -4.30 11.48
CA ILE A 238 23.48 -4.79 12.76
C ILE A 238 23.04 -6.22 12.53
N ASP A 239 23.71 -7.14 13.21
CA ASP A 239 23.56 -8.58 12.96
C ASP A 239 22.87 -9.24 14.15
N ASN A 240 21.62 -9.65 13.95
CA ASN A 240 20.92 -10.45 14.94
C ASN A 240 20.94 -9.88 16.38
N PHE A 241 20.80 -8.57 16.52
CA PHE A 241 20.59 -7.99 17.85
C PHE A 241 19.29 -8.51 18.46
N SER A 242 19.32 -8.92 19.74
CA SER A 242 18.06 -9.29 20.38
C SER A 242 17.99 -8.88 21.85
N ASN A 243 16.79 -8.85 22.37
CA ASN A 243 16.60 -8.39 23.74
C ASN A 243 15.93 -9.50 24.52
N GLY A 244 15.93 -10.70 23.96
CA GLY A 244 15.24 -11.81 24.56
C GLY A 244 14.33 -12.46 23.54
N ASP A 245 13.23 -11.77 23.18
CA ASP A 245 12.29 -12.35 22.24
C ASP A 245 12.06 -11.58 20.92
N SER A 246 12.60 -10.36 20.85
CA SER A 246 12.55 -9.59 19.61
C SER A 246 13.92 -9.52 18.99
N TYR A 247 13.98 -9.48 17.65
CA TYR A 247 15.25 -9.51 16.95
C TYR A 247 15.33 -8.42 15.90
N LEU A 248 16.53 -7.95 15.65
CA LEU A 248 16.72 -6.87 14.73
C LEU A 248 17.92 -7.15 13.84
N ASP A 249 17.70 -7.11 12.53
CA ASP A 249 18.79 -7.05 11.56
C ASP A 249 18.66 -5.76 10.74
N ALA A 250 19.81 -5.13 10.41
CA ALA A 250 19.76 -3.91 9.60
C ALA A 250 21.08 -3.68 8.93
N VAL A 251 21.04 -2.89 7.86
CA VAL A 251 22.22 -2.38 7.21
C VAL A 251 21.83 -0.98 6.75
N PHE A 252 22.75 -0.02 6.94
CA PHE A 252 22.55 1.31 6.43
C PHE A 252 23.87 2.02 6.08
N CYS A 253 23.76 3.07 5.27
CA CYS A 253 24.92 3.89 4.91
C CYS A 253 24.36 5.16 4.34
N TRP A 254 25.19 6.20 4.23
CA TRP A 254 24.75 7.42 3.57
C TRP A 254 25.33 7.43 2.21
N CYS A 255 24.61 8.04 1.29
CA CYS A 255 25.05 8.08 -0.09
C CYS A 255 24.61 9.41 -0.63
N GLU A 256 25.53 10.13 -1.23
CA GLU A 256 25.21 11.48 -1.69
C GLU A 256 24.77 11.47 -3.17
N ASP A 257 24.84 10.30 -3.78
CA ASP A 257 24.29 10.05 -5.12
C ASP A 257 22.85 9.49 -5.02
N PRO A 258 21.83 10.38 -4.97
CA PRO A 258 20.45 9.89 -4.92
C PRO A 258 19.89 9.31 -6.23
N SER A 259 20.76 8.86 -7.13
CA SER A 259 20.35 8.18 -8.35
C SER A 259 19.51 6.96 -8.00
N GLU A 260 20.06 6.19 -7.07
CA GLU A 260 19.46 4.97 -6.58
C GLU A 260 19.34 5.08 -5.06
N SER A 261 18.16 4.75 -4.54
CA SER A 261 17.87 4.88 -3.11
C SER A 261 17.17 3.61 -2.64
N ILE A 262 17.67 3.00 -1.56
CA ILE A 262 17.09 1.79 -0.98
C ILE A 262 16.69 2.15 0.44
N LYS A 263 15.41 2.00 0.74
CA LYS A 263 14.88 2.30 2.07
C LYS A 263 13.80 1.25 2.33
N ASN A 264 14.21 0.03 2.67
CA ASN A 264 13.27 -1.09 2.72
C ASN A 264 13.10 -1.57 4.17
N SER A 265 11.88 -1.87 4.59
CA SER A 265 11.60 -2.29 5.98
C SER A 265 10.66 -3.49 6.00
N TYR A 266 10.84 -4.36 6.98
CA TYR A 266 10.10 -5.60 7.06
C TYR A 266 9.86 -5.93 8.50
N VAL A 267 8.76 -6.67 8.74
CA VAL A 267 8.49 -7.28 10.02
C VAL A 267 8.19 -8.75 9.73
N ASN A 268 8.84 -9.66 10.46
CA ASN A 268 8.67 -11.13 10.17
C ASN A 268 8.80 -11.48 8.67
N LEU A 269 9.73 -10.78 8.02
CA LEU A 269 10.08 -10.93 6.60
C LEU A 269 8.99 -10.41 5.63
N ILE A 270 7.97 -9.79 6.21
CA ILE A 270 6.88 -9.15 5.47
C ILE A 270 7.26 -7.70 5.16
N PRO A 271 7.35 -7.34 3.87
CA PRO A 271 7.59 -5.96 3.50
C PRO A 271 6.54 -5.04 4.08
N THR A 272 7.00 -3.91 4.62
CA THR A 272 6.09 -2.91 5.19
C THR A 272 6.24 -1.62 4.39
N PRO A 273 5.56 -1.54 3.25
CA PRO A 273 5.72 -0.35 2.38
C PRO A 273 5.26 0.97 3.02
N GLN A 274 4.53 0.92 4.12
CA GLN A 274 4.10 2.15 4.77
C GLN A 274 4.88 2.30 6.06
N ASP A 275 6.00 1.59 6.11
CA ASP A 275 6.95 1.73 7.23
C ASP A 275 6.35 1.45 8.60
N GLY A 276 6.65 2.29 9.59
CA GLY A 276 6.05 2.16 10.87
C GLY A 276 7.05 2.27 12.04
N THR A 277 6.73 1.64 13.16
CA THR A 277 7.49 1.83 14.40
C THR A 277 8.98 1.40 14.28
N HIS A 278 9.27 0.38 13.46
CA HIS A 278 10.67 -0.02 13.25
C HIS A 278 11.43 1.03 12.53
N VAL A 279 10.85 1.60 11.47
CA VAL A 279 11.53 2.66 10.71
C VAL A 279 11.72 3.92 11.59
N THR A 280 10.69 4.26 12.35
CA THR A 280 10.80 5.41 13.28
C THR A 280 11.90 5.15 14.30
N GLY A 281 11.94 3.93 14.83
CA GLY A 281 13.05 3.50 15.70
C GLY A 281 14.43 3.75 15.08
N LEU A 282 14.59 3.38 13.82
CA LEU A 282 15.87 3.54 13.10
C LEU A 282 16.23 4.97 12.98
N LYS A 283 15.27 5.77 12.48
CA LYS A 283 15.49 7.20 12.35
C LYS A 283 15.91 7.85 13.69
N ASN A 284 15.19 7.52 14.75
CA ASN A 284 15.51 8.09 16.07
C ASN A 284 16.87 7.67 16.62
N GLY A 285 17.20 6.39 16.44
CA GLY A 285 18.44 5.83 16.96
C GLY A 285 19.65 6.43 16.25
N ILE A 286 19.54 6.59 14.95
CA ILE A 286 20.54 7.27 14.13
C ILE A 286 20.75 8.73 14.58
N TYR A 287 19.65 9.48 14.70
CA TYR A 287 19.73 10.86 15.13
C TYR A 287 20.33 10.94 16.51
N ASP A 288 19.91 10.04 17.39
CA ASP A 288 20.48 9.96 18.76
C ASP A 288 22.00 9.76 18.80
N ALA A 289 22.50 8.83 17.99
CA ALA A 289 23.94 8.53 17.91
C ALA A 289 24.71 9.70 17.27
N ILE A 290 24.14 10.34 16.24
CA ILE A 290 24.82 11.45 15.53
C ILE A 290 24.91 12.65 16.49
N LYS A 291 23.78 12.97 17.11
CA LYS A 291 23.71 14.07 18.07
C LYS A 291 24.74 13.89 19.20
N ALA A 292 24.73 12.71 19.82
CA ALA A 292 25.70 12.41 20.90
C ALA A 292 27.18 12.47 20.47
N TYR A 293 27.48 11.96 19.27
CA TYR A 293 28.85 12.05 18.72
C TYR A 293 29.28 13.50 18.47
N ILE A 294 28.41 14.33 17.89
CA ILE A 294 28.70 15.76 17.69
C ILE A 294 28.98 16.47 19.00
N GLU A 295 28.13 16.23 20.00
CA GLU A 295 28.26 16.85 21.33
C GLU A 295 29.48 16.37 22.12
N LYS A 296 29.69 15.06 22.15
CA LYS A 296 30.82 14.49 22.85
C LYS A 296 32.18 14.88 22.26
N ASN A 297 32.21 15.32 21.00
CA ASN A 297 33.46 15.62 20.29
C ASN A 297 33.78 17.06 19.88
N SER A 298 32.87 18.02 20.05
CA SER A 298 33.14 19.39 19.56
C SER A 298 33.82 20.26 20.60
N ILE A 304 25.19 24.78 14.36
CA ILE A 304 23.93 24.68 13.60
C ILE A 304 23.02 23.60 14.20
N LYS A 305 21.74 23.65 13.87
CA LYS A 305 20.77 22.79 14.53
C LYS A 305 20.31 21.62 13.65
N ILE A 306 20.97 20.48 13.84
CA ILE A 306 20.65 19.28 13.08
C ILE A 306 19.40 18.56 13.64
N THR A 307 18.57 18.07 12.73
CA THR A 307 17.36 17.32 13.11
C THR A 307 17.43 15.88 12.64
N ALA A 308 16.54 15.06 13.20
CA ALA A 308 16.38 13.67 12.74
C ALA A 308 16.14 13.52 11.23
N ASN A 309 15.47 14.50 10.62
CA ASN A 309 15.24 14.49 9.18
C ASN A 309 16.55 14.66 8.43
N ASP A 310 17.40 15.55 8.92
CA ASP A 310 18.70 15.73 8.32
C ASP A 310 19.55 14.48 8.38
N SER A 311 19.63 13.83 9.55
CA SER A 311 20.49 12.65 9.65
C SER A 311 19.92 11.48 8.86
N PHE A 312 18.61 11.54 8.60
CA PHE A 312 17.91 10.47 7.85
C PHE A 312 17.86 10.69 6.35
N ALA A 313 18.10 11.92 5.91
CA ALA A 313 17.86 12.34 4.52
C ALA A 313 18.64 11.61 3.44
N GLN A 314 19.92 11.29 3.68
CA GLN A 314 20.70 10.62 2.64
C GLN A 314 20.94 9.14 2.95
N LEU A 315 20.17 8.64 3.90
CA LEU A 315 20.37 7.30 4.41
C LEU A 315 19.74 6.31 3.43
N ASN A 316 20.46 5.22 3.17
CA ASN A 316 19.87 4.05 2.54
C ASN A 316 19.92 2.93 3.54
N TYR A 317 18.87 2.10 3.60
CA TYR A 317 18.84 1.06 4.63
C TYR A 317 17.92 -0.07 4.24
N VAL A 318 18.13 -1.16 4.96
CA VAL A 318 17.22 -2.27 5.04
C VAL A 318 17.12 -2.49 6.54
N ILE A 319 15.90 -2.55 7.04
CA ILE A 319 15.66 -2.84 8.44
C ILE A 319 14.62 -3.96 8.54
N SER A 320 14.92 -5.00 9.32
CA SER A 320 14.11 -6.18 9.42
C SER A 320 14.01 -6.54 10.91
N VAL A 321 12.80 -6.45 11.46
CA VAL A 321 12.55 -6.88 12.83
C VAL A 321 11.76 -8.17 12.84
N LYS A 322 12.06 -9.01 13.82
CA LYS A 322 11.29 -10.25 14.03
C LYS A 322 10.72 -10.18 15.44
N ILE A 323 9.40 -10.20 15.53
CA ILE A 323 8.66 -9.99 16.79
C ILE A 323 7.49 -11.00 16.86
N THR A 324 6.98 -11.26 18.06
CA THR A 324 6.02 -12.38 18.21
C THR A 324 4.57 -12.18 17.74
N ASN A 325 4.01 -11.01 18.00
CA ASN A 325 2.63 -10.75 17.60
C ASN A 325 2.55 -9.39 16.83
N PRO A 326 3.06 -9.37 15.59
CA PRO A 326 3.06 -8.15 14.79
C PRO A 326 1.67 -7.56 14.62
N GLN A 327 1.58 -6.24 14.72
CA GLN A 327 0.35 -5.52 14.52
C GLN A 327 0.52 -4.59 13.36
N PHE A 328 -0.48 -4.56 12.48
CA PHE A 328 -0.45 -3.69 11.31
C PHE A 328 -1.46 -2.58 11.47
N ALA A 329 -1.15 -1.42 10.92
CA ALA A 329 -2.03 -0.30 10.97
C ALA A 329 -2.20 0.29 9.57
N GLY A 330 -3.13 1.24 9.46
CA GLY A 330 -3.48 1.88 8.19
C GLY A 330 -4.55 1.03 7.52
N GLN A 331 -5.26 1.58 6.55
CA GLN A 331 -6.32 0.88 5.79
C GLN A 331 -5.81 -0.34 5.04
N THR A 332 -4.60 -0.25 4.48
CA THR A 332 -4.02 -1.39 3.78
C THR A 332 -3.25 -2.36 4.67
N LYS A 333 -3.07 -2.00 5.95
CA LYS A 333 -2.29 -2.77 6.92
C LYS A 333 -0.84 -3.07 6.43
N GLU A 334 -0.17 -2.03 5.96
CA GLU A 334 1.17 -2.13 5.43
C GLU A 334 2.15 -1.36 6.30
N LYS A 335 1.70 -0.97 7.48
CA LYS A 335 2.56 -0.20 8.42
C LYS A 335 2.63 -0.99 9.74
N LEU A 336 3.85 -1.20 10.24
CA LEU A 336 4.00 -1.91 11.53
C LEU A 336 3.60 -0.91 12.64
N SER A 337 2.81 -1.37 13.60
CA SER A 337 2.29 -0.46 14.62
C SER A 337 2.70 -0.76 16.05
N ASN A 338 3.36 -1.89 16.29
CA ASN A 338 3.62 -2.35 17.65
C ASN A 338 4.43 -1.24 18.39
N LYS A 339 3.89 -0.64 19.45
CA LYS A 339 4.54 0.54 20.01
C LYS A 339 5.92 0.29 20.64
N ASP A 340 6.12 -0.88 21.26
CA ASP A 340 7.37 -1.15 21.93
C ASP A 340 8.58 -1.34 20.99
N VAL A 341 8.30 -1.51 19.69
CA VAL A 341 9.34 -1.66 18.68
C VAL A 341 10.20 -0.40 18.50
N THR A 342 9.62 0.78 18.60
CA THR A 342 10.34 2.01 18.31
C THR A 342 11.56 2.10 19.24
N ASN A 343 11.27 2.02 20.54
CA ASN A 343 12.25 1.90 21.62
C ASN A 343 13.33 0.80 21.47
N PHE A 344 12.91 -0.44 21.21
CA PHE A 344 13.78 -1.56 20.97
C PHE A 344 14.78 -1.27 19.84
N VAL A 345 14.29 -0.76 18.70
CA VAL A 345 15.19 -0.43 17.58
C VAL A 345 16.09 0.80 17.92
N ALA A 346 15.51 1.87 18.45
CA ALA A 346 16.26 3.12 18.67
C ALA A 346 17.48 2.93 19.58
N THR A 347 17.30 2.20 20.67
CA THR A 347 18.38 1.95 21.65
C THR A 347 19.47 1.09 21.04
N ALA A 348 19.07 0.04 20.34
CA ALA A 348 20.01 -0.85 19.70
C ALA A 348 20.85 -0.04 18.70
N VAL A 349 20.17 0.72 17.84
CA VAL A 349 20.83 1.47 16.79
C VAL A 349 21.78 2.48 17.45
N LYS A 350 21.27 3.25 18.40
CA LYS A 350 22.10 4.29 19.07
C LYS A 350 23.39 3.69 19.63
N ASP A 351 23.25 2.60 20.37
CA ASP A 351 24.37 1.98 21.06
C ASP A 351 25.37 1.37 20.09
N LEU A 352 24.88 0.57 19.15
CA LEU A 352 25.77 -0.09 18.18
C LEU A 352 26.44 0.88 17.21
N LEU A 353 25.72 1.89 16.75
CA LEU A 353 26.30 2.86 15.84
C LEU A 353 27.33 3.69 16.63
N THR A 354 27.04 3.97 17.89
CA THR A 354 27.96 4.80 18.73
C THR A 354 29.35 4.15 18.80
N ILE A 355 29.37 2.88 19.22
CA ILE A 355 30.56 2.05 19.16
C ILE A 355 31.31 2.11 17.81
N TRP A 356 30.60 1.93 16.70
CA TRP A 356 31.23 2.09 15.39
C TRP A 356 31.76 3.46 15.10
N LEU A 357 31.01 4.51 15.44
CA LEU A 357 31.50 5.85 15.15
C LEU A 357 32.77 6.13 15.94
N ASN A 358 32.79 5.66 17.19
CA ASN A 358 33.98 5.80 18.06
C ASN A 358 35.22 5.12 17.50
N GLN A 359 35.05 3.97 16.85
CA GLN A 359 36.15 3.19 16.25
C GLN A 359 36.54 3.68 14.88
N ASN A 360 35.71 4.51 14.29
CA ASN A 360 35.94 4.92 12.92
C ASN A 360 35.91 6.42 12.72
N PRO A 361 36.85 7.14 13.38
CA PRO A 361 36.68 8.58 13.39
C PRO A 361 36.81 9.28 12.05
N ASP A 362 37.56 8.75 11.09
CA ASP A 362 37.74 9.46 9.82
C ASP A 362 36.41 9.46 9.04
N GLU A 363 35.82 8.29 8.90
CA GLU A 363 34.51 8.22 8.28
C GLU A 363 33.45 8.91 9.15
N ALA A 364 33.52 8.76 10.49
CA ALA A 364 32.54 9.44 11.36
C ALA A 364 32.45 10.93 11.09
N ARG A 365 33.61 11.54 10.91
CA ARG A 365 33.69 12.99 10.72
C ARG A 365 33.04 13.38 9.43
N GLN A 366 33.28 12.58 8.38
CA GLN A 366 32.70 12.87 7.07
C GLN A 366 31.15 12.72 7.08
N ILE A 367 30.67 11.72 7.80
CA ILE A 367 29.22 11.48 7.95
C ILE A 367 28.57 12.70 8.61
N VAL A 368 29.19 13.16 9.69
CA VAL A 368 28.75 14.34 10.41
C VAL A 368 28.76 15.58 9.49
N GLU A 369 29.84 15.79 8.75
CA GLU A 369 29.94 16.94 7.83
C GLU A 369 28.82 16.94 6.79
N ASN A 370 28.57 15.78 6.20
CA ASN A 370 27.54 15.67 5.17
C ASN A 370 26.15 15.98 5.72
N ILE A 371 25.85 15.44 6.91
CA ILE A 371 24.58 15.68 7.60
C ILE A 371 24.44 17.17 7.95
N SER A 372 25.53 17.74 8.44
CA SER A 372 25.50 19.13 8.78
C SER A 372 25.34 19.96 7.50
N LYS A 373 25.84 19.48 6.37
CA LYS A 373 25.57 20.16 5.10
C LYS A 373 24.10 20.02 4.67
N VAL A 374 23.53 18.83 4.87
CA VAL A 374 22.08 18.64 4.62
C VAL A 374 21.27 19.65 5.44
N ALA A 375 21.61 19.79 6.72
CA ALA A 375 20.85 20.66 7.63
C ALA A 375 20.95 22.14 7.31
N GLN A 376 22.03 22.55 6.63
CA GLN A 376 22.30 23.97 6.39
C GLN A 376 21.28 24.61 5.44
N LYS A 377 20.51 23.79 4.73
CA LYS A 377 19.31 24.23 4.00
C LYS A 377 18.04 23.63 4.60
N SER B 8 -36.96 17.55 -2.02
CA SER B 8 -37.88 17.31 -0.85
C SER B 8 -37.25 17.66 0.52
N ILE B 9 -36.00 17.25 0.73
CA ILE B 9 -35.23 17.58 1.92
C ILE B 9 -33.85 18.06 1.50
N GLU B 10 -33.37 19.16 2.10
CA GLU B 10 -32.03 19.65 1.85
C GLU B 10 -31.37 19.92 3.18
N VAL B 11 -30.06 19.76 3.25
CA VAL B 11 -29.28 19.84 4.49
C VAL B 11 -27.98 20.59 4.25
N LEU B 12 -27.49 21.30 5.27
CA LEU B 12 -26.26 22.10 5.21
C LEU B 12 -25.51 22.15 6.55
N THR B 13 -24.28 21.65 6.59
CA THR B 13 -23.50 21.60 7.85
C THR B 13 -22.14 22.30 7.80
N GLY B 14 -21.54 22.42 8.98
CA GLY B 14 -20.13 22.75 9.07
C GLY B 14 -19.31 21.60 8.49
N LEU B 15 -17.99 21.77 8.51
CA LEU B 15 -17.13 20.68 8.03
C LEU B 15 -16.58 19.82 9.19
N ASP B 16 -16.92 20.25 10.41
CA ASP B 16 -16.67 19.45 11.63
C ASP B 16 -16.83 17.93 11.44
N PRO B 17 -17.97 17.48 10.85
CA PRO B 17 -18.29 16.03 10.73
C PRO B 17 -17.31 15.24 9.85
N VAL B 18 -16.85 15.86 8.76
CA VAL B 18 -15.89 15.24 7.84
C VAL B 18 -14.52 15.10 8.51
N LYS B 19 -14.13 16.11 9.28
CA LYS B 19 -12.88 16.07 10.02
C LYS B 19 -12.92 15.07 11.18
N LYS B 20 -14.14 14.63 11.53
CA LYS B 20 -14.39 13.67 12.60
C LYS B 20 -14.27 12.22 12.09
N ARG B 21 -15.02 11.87 11.05
CA ARG B 21 -14.94 10.56 10.40
C ARG B 21 -14.52 10.64 8.91
N PRO B 22 -13.26 11.01 8.64
CA PRO B 22 -12.73 11.09 7.24
C PRO B 22 -13.03 9.86 6.40
N GLY B 23 -12.84 8.67 7.00
CA GLY B 23 -13.07 7.39 6.33
C GLY B 23 -14.49 7.16 5.84
N MET B 24 -15.44 7.93 6.38
CA MET B 24 -16.84 7.79 5.90
C MET B 24 -17.08 8.48 4.54
N TYR B 25 -16.28 9.53 4.30
CA TYR B 25 -16.38 10.37 3.09
C TYR B 25 -15.34 10.13 1.97
N THR B 26 -14.16 9.64 2.36
CA THR B 26 -13.08 9.38 1.41
C THR B 26 -12.38 8.09 1.78
N ASN B 27 -11.61 7.52 0.84
CA ASN B 27 -10.70 6.44 1.18
C ASN B 27 -9.42 7.09 1.69
N ILE B 28 -9.16 6.91 2.98
CA ILE B 28 -8.04 7.59 3.64
C ILE B 28 -6.67 6.93 3.44
N GLU B 29 -6.60 5.87 2.65
CA GLU B 29 -5.26 5.29 2.33
C GLU B 29 -4.24 6.33 1.81
N ASN B 30 -4.72 7.22 0.96
CA ASN B 30 -3.91 8.27 0.34
C ASN B 30 -4.92 9.34 -0.17
N PRO B 31 -4.43 10.39 -0.85
CA PRO B 31 -5.37 11.41 -1.29
C PRO B 31 -6.01 11.14 -2.62
N ASN B 32 -5.83 9.95 -3.21
CA ASN B 32 -6.31 9.71 -4.60
C ASN B 32 -7.80 9.95 -4.79
N HIS B 33 -8.57 9.52 -3.80
CA HIS B 33 -10.00 9.68 -3.85
C HIS B 33 -10.41 11.13 -3.80
N LEU B 34 -9.71 11.96 -3.01
CA LEU B 34 -9.91 13.41 -3.07
C LEU B 34 -9.67 13.99 -4.46
N ILE B 35 -8.65 13.47 -5.16
CA ILE B 35 -8.44 13.88 -6.54
C ILE B 35 -9.59 13.38 -7.40
N GLN B 36 -10.01 12.15 -7.15
CA GLN B 36 -11.11 11.59 -7.92
C GLN B 36 -12.40 12.44 -7.74
N GLU B 37 -12.65 12.92 -6.53
CA GLU B 37 -13.81 13.79 -6.27
C GLU B 37 -13.81 15.05 -7.17
N ILE B 38 -12.68 15.75 -7.21
CA ILE B 38 -12.49 16.95 -8.04
C ILE B 38 -12.71 16.60 -9.50
N ILE B 39 -12.10 15.50 -9.94
CA ILE B 39 -12.20 15.08 -11.32
C ILE B 39 -13.66 14.80 -11.74
N ASP B 40 -14.41 14.15 -10.86
CA ASP B 40 -15.81 13.85 -11.10
C ASP B 40 -16.66 15.12 -11.25
N ASN B 41 -16.24 16.20 -10.58
CA ASN B 41 -16.93 17.47 -10.71
C ASN B 41 -16.66 18.18 -12.02
N SER B 42 -15.50 17.93 -12.62
CA SER B 42 -15.14 18.44 -13.94
C SER B 42 -15.83 17.60 -15.01
N VAL B 43 -15.85 16.29 -14.76
CA VAL B 43 -16.49 15.36 -15.67
C VAL B 43 -17.97 15.65 -15.86
N ASP B 44 -18.64 16.08 -14.78
CA ASP B 44 -20.02 16.57 -14.84
C ASP B 44 -20.19 17.64 -15.94
N GLU B 45 -19.23 18.56 -16.02
CA GLU B 45 -19.22 19.60 -17.06
C GLU B 45 -18.98 19.04 -18.45
N VAL B 46 -18.10 18.03 -18.57
CA VAL B 46 -17.84 17.39 -19.87
C VAL B 46 -19.14 16.76 -20.33
N LEU B 47 -19.77 16.01 -19.44
CA LEU B 47 -21.00 15.30 -19.77
C LEU B 47 -22.15 16.26 -20.06
N ALA B 48 -22.20 17.39 -19.37
CA ALA B 48 -23.21 18.43 -19.64
C ALA B 48 -23.06 19.00 -21.07
N GLY B 49 -21.84 18.96 -21.59
CA GLY B 49 -21.51 19.35 -22.95
C GLY B 49 -20.65 20.61 -22.96
N PHE B 50 -20.29 21.06 -21.77
CA PHE B 50 -19.70 22.35 -21.57
C PHE B 50 -18.19 22.37 -21.45
N ALA B 51 -17.53 21.20 -21.42
CA ALA B 51 -16.06 21.11 -21.22
C ALA B 51 -15.43 19.98 -22.03
N SER B 52 -14.13 20.08 -22.28
CA SER B 52 -13.45 19.12 -23.16
C SER B 52 -12.01 18.86 -22.71
N LYS B 53 -11.60 19.57 -21.67
CA LYS B 53 -10.24 19.41 -21.18
C LYS B 53 -10.24 19.27 -19.66
N ILE B 54 -9.41 18.34 -19.18
CA ILE B 54 -9.12 18.21 -17.74
C ILE B 54 -7.63 18.04 -17.58
N ASN B 55 -7.02 18.95 -16.86
CA ASN B 55 -5.58 18.94 -16.65
C ASN B 55 -5.24 18.74 -15.16
N ILE B 56 -4.35 17.81 -14.89
CA ILE B 56 -3.94 17.44 -13.54
C ILE B 56 -2.45 17.67 -13.36
N THR B 57 -2.12 18.38 -12.31
CA THR B 57 -0.73 18.57 -11.93
C THR B 57 -0.52 18.03 -10.53
N LEU B 58 0.52 17.21 -10.40
CA LEU B 58 1.02 16.76 -9.12
C LEU B 58 2.28 17.55 -8.79
N TYR B 59 2.24 18.32 -7.70
CA TYR B 59 3.37 19.18 -7.35
C TYR B 59 4.32 18.51 -6.38
N GLU B 60 5.49 19.11 -6.25
CA GLU B 60 6.55 18.54 -5.42
C GLU B 60 6.26 18.69 -3.96
N ASP B 61 5.40 19.64 -3.62
CA ASP B 61 4.96 19.85 -2.22
C ASP B 61 3.80 18.94 -1.84
N ASN B 62 3.48 17.99 -2.71
CA ASN B 62 2.40 17.02 -2.50
C ASN B 62 0.97 17.55 -2.66
N SER B 63 0.86 18.78 -3.15
CA SER B 63 -0.45 19.33 -3.52
C SER B 63 -0.84 18.83 -4.88
N ILE B 64 -2.14 18.91 -5.16
CA ILE B 64 -2.70 18.40 -6.38
C ILE B 64 -3.55 19.54 -7.01
N GLU B 65 -3.40 19.72 -8.32
CA GLU B 65 -4.19 20.71 -9.02
C GLU B 65 -4.95 20.07 -10.15
N VAL B 66 -6.24 20.40 -10.23
CA VAL B 66 -7.10 19.95 -11.33
C VAL B 66 -7.76 21.18 -11.97
N ALA B 67 -7.75 21.28 -13.30
CA ALA B 67 -8.36 22.42 -14.00
C ALA B 67 -9.23 21.90 -15.10
N ASP B 68 -10.32 22.60 -15.43
CA ASP B 68 -11.11 22.19 -16.59
C ASP B 68 -11.44 23.44 -17.44
N ASP B 69 -12.03 23.23 -18.63
CA ASP B 69 -12.45 24.36 -19.50
C ASP B 69 -13.97 24.47 -19.50
N GLY B 70 -14.58 24.20 -18.33
CA GLY B 70 -16.04 24.21 -18.21
C GLY B 70 -16.55 25.63 -18.04
N ARG B 71 -17.83 25.77 -17.73
CA ARG B 71 -18.47 27.10 -17.58
C ARG B 71 -17.87 27.94 -16.46
N GLY B 72 -17.13 27.30 -15.55
CA GLY B 72 -16.64 28.00 -14.38
C GLY B 72 -17.67 27.92 -13.26
N MET B 73 -17.24 27.50 -12.07
CA MET B 73 -18.14 27.33 -10.92
C MET B 73 -18.82 28.66 -10.51
N PRO B 74 -20.13 28.62 -10.19
CA PRO B 74 -20.85 29.90 -9.90
C PRO B 74 -20.22 30.72 -8.77
N VAL B 75 -20.19 32.04 -8.97
CA VAL B 75 -19.71 32.97 -7.96
C VAL B 75 -20.84 33.84 -7.37
N ASP B 76 -22.06 33.67 -7.88
CA ASP B 76 -23.24 34.49 -7.48
C ASP B 76 -23.59 34.38 -6.01
N ILE B 77 -23.67 35.53 -5.35
CA ILE B 77 -24.04 35.61 -3.92
C ILE B 77 -25.40 34.97 -3.71
N HIS B 78 -25.42 33.88 -2.94
CA HIS B 78 -26.65 33.17 -2.67
C HIS B 78 -27.57 34.01 -1.80
N PRO B 79 -28.87 34.09 -2.18
CA PRO B 79 -29.87 34.80 -1.38
C PRO B 79 -30.39 33.89 -0.27
N GLU B 80 -29.84 34.08 0.93
CA GLU B 80 -30.12 33.29 2.14
C GLU B 80 -28.84 32.99 2.89
N HIS B 81 -27.93 32.26 2.25
CA HIS B 81 -26.70 31.88 2.94
C HIS B 81 -25.73 33.03 2.92
N LYS B 82 -26.02 34.02 2.07
CA LYS B 82 -25.27 35.29 2.04
C LYS B 82 -23.79 35.04 1.77
N MET B 83 -23.52 34.22 0.75
CA MET B 83 -22.16 33.88 0.39
C MET B 83 -22.09 33.48 -1.07
N SER B 84 -20.94 33.70 -1.70
CA SER B 84 -20.71 33.25 -3.08
C SER B 84 -21.05 31.78 -3.24
N GLY B 85 -21.53 31.41 -4.42
CA GLY B 85 -21.83 30.03 -4.77
C GLY B 85 -20.66 29.09 -4.52
N ILE B 86 -19.45 29.60 -4.72
CA ILE B 86 -18.21 28.83 -4.54
C ILE B 86 -17.96 28.56 -3.06
N GLU B 87 -18.09 29.59 -2.23
CA GLU B 87 -17.96 29.46 -0.76
C GLU B 87 -18.98 28.46 -0.20
N LEU B 88 -20.24 28.58 -0.62
CA LEU B 88 -21.28 27.62 -0.28
C LEU B 88 -20.89 26.16 -0.60
N ILE B 89 -20.49 25.91 -1.86
CA ILE B 89 -20.06 24.58 -2.32
C ILE B 89 -18.84 24.03 -1.54
N MET B 90 -17.93 24.91 -1.14
CA MET B 90 -16.65 24.54 -0.56
C MET B 90 -16.66 24.38 0.97
N THR B 91 -17.68 24.94 1.62
CA THR B 91 -17.74 24.95 3.11
C THR B 91 -18.96 24.22 3.72
N LYS B 92 -19.81 23.62 2.92
CA LYS B 92 -20.99 22.95 3.48
C LYS B 92 -21.19 21.63 2.80
N LEU B 93 -21.71 20.65 3.55
CA LEU B 93 -22.18 19.39 2.99
C LEU B 93 -23.61 19.52 2.52
N HIS B 94 -23.84 19.24 1.24
CA HIS B 94 -25.14 19.49 0.63
C HIS B 94 -25.96 18.26 0.49
N SER B 95 -26.15 17.54 1.59
CA SER B 95 -27.01 16.35 1.59
C SER B 95 -28.36 16.68 0.97
N GLY B 96 -28.81 15.80 0.09
CA GLY B 96 -30.12 15.96 -0.55
C GLY B 96 -31.01 14.87 -0.04
N GLY B 97 -31.93 14.40 -0.88
CA GLY B 97 -32.83 13.32 -0.49
C GLY B 97 -34.30 13.65 -0.66
N LYS B 98 -35.08 12.63 -0.94
CA LYS B 98 -36.54 12.72 -0.95
C LYS B 98 -37.09 12.31 0.42
N PHE B 99 -36.36 11.43 1.13
CA PHE B 99 -36.70 10.98 2.49
C PHE B 99 -35.41 10.71 3.27
N SER B 100 -35.53 10.34 4.54
CA SER B 100 -34.37 9.81 5.27
C SER B 100 -34.72 8.51 5.98
N VAL B 113 -21.15 13.32 -2.44
CA VAL B 113 -21.58 14.18 -1.32
C VAL B 113 -20.88 15.54 -1.35
N GLY B 114 -19.83 15.65 -2.18
CA GLY B 114 -19.31 16.95 -2.59
C GLY B 114 -17.85 17.28 -2.38
N VAL B 115 -17.43 18.33 -3.06
CA VAL B 115 -16.07 18.82 -3.04
C VAL B 115 -15.70 19.54 -1.75
N SER B 116 -16.69 19.84 -0.90
CA SER B 116 -16.39 20.39 0.43
C SER B 116 -15.58 19.36 1.25
N VAL B 117 -15.76 18.09 0.94
CA VAL B 117 -14.94 17.00 1.57
C VAL B 117 -13.44 17.24 1.32
N VAL B 118 -13.09 17.55 0.07
CA VAL B 118 -11.70 17.88 -0.26
C VAL B 118 -11.21 19.10 0.51
N ASN B 119 -12.06 20.11 0.64
CA ASN B 119 -11.61 21.33 1.32
C ASN B 119 -11.41 21.06 2.82
N ALA B 120 -12.33 20.29 3.39
CA ALA B 120 -12.30 19.94 4.83
C ALA B 120 -11.00 19.23 5.20
N LEU B 121 -10.54 18.38 4.27
CA LEU B 121 -9.46 17.43 4.57
C LEU B 121 -8.12 17.94 4.06
N SER B 122 -8.12 19.18 3.58
CA SER B 122 -6.89 19.88 3.15
C SER B 122 -6.56 21.05 4.09
N THR B 123 -5.26 21.25 4.37
CA THR B 123 -4.77 22.43 5.09
C THR B 123 -4.81 23.73 4.28
N ARG B 124 -4.97 23.60 2.96
CA ARG B 124 -5.09 24.74 2.07
C ARG B 124 -5.82 24.30 0.81
N LEU B 125 -6.72 25.13 0.33
CA LEU B 125 -7.30 24.95 -0.99
C LEU B 125 -7.51 26.31 -1.67
N GLU B 126 -7.00 26.42 -2.88
CA GLU B 126 -7.19 27.61 -3.72
C GLU B 126 -8.02 27.27 -4.94
N ALA B 127 -8.96 28.14 -5.28
CA ALA B 127 -9.76 27.97 -6.48
C ALA B 127 -9.57 29.21 -7.33
N GLU B 128 -9.48 28.99 -8.64
CA GLU B 128 -9.50 30.09 -9.58
C GLU B 128 -10.60 29.81 -10.60
N ILE B 129 -11.54 30.76 -10.73
CA ILE B 129 -12.67 30.57 -11.64
C ILE B 129 -12.55 31.61 -12.75
N LYS B 130 -12.63 31.15 -13.99
CA LYS B 130 -12.70 32.08 -15.12
C LYS B 130 -14.13 32.07 -15.59
N ARG B 131 -14.78 33.21 -15.45
CA ARG B 131 -16.19 33.30 -15.76
C ARG B 131 -16.61 34.74 -16.03
N ASP B 132 -17.43 34.95 -17.06
CA ASP B 132 -17.89 36.32 -17.36
C ASP B 132 -16.76 37.32 -17.63
N GLY B 133 -15.65 36.83 -18.20
CA GLY B 133 -14.48 37.65 -18.43
C GLY B 133 -13.69 38.09 -17.21
N ASN B 134 -14.04 37.55 -16.04
CA ASN B 134 -13.26 37.79 -14.80
C ASN B 134 -12.57 36.51 -14.34
N VAL B 135 -11.42 36.70 -13.72
CA VAL B 135 -10.64 35.64 -13.14
C VAL B 135 -10.75 35.90 -11.65
N TYR B 136 -11.51 35.02 -11.01
CA TYR B 136 -11.80 35.10 -9.60
C TYR B 136 -10.85 34.16 -8.87
N HIS B 137 -10.58 34.49 -7.60
CA HIS B 137 -9.70 33.73 -6.73
C HIS B 137 -10.21 33.75 -5.31
N ILE B 138 -10.12 32.60 -4.65
CA ILE B 138 -10.49 32.44 -3.23
C ILE B 138 -9.63 31.33 -2.62
N VAL B 139 -9.15 31.57 -1.39
CA VAL B 139 -8.29 30.66 -0.64
C VAL B 139 -9.01 30.20 0.62
N PHE B 140 -8.96 28.90 0.89
CA PHE B 140 -9.46 28.35 2.13
C PHE B 140 -8.31 27.70 2.88
N GLU B 141 -8.42 27.68 4.22
CA GLU B 141 -7.54 26.88 5.05
C GLU B 141 -8.34 26.05 6.06
N ASP B 142 -8.03 24.76 6.12
CA ASP B 142 -8.74 23.81 6.98
C ASP B 142 -10.26 23.87 6.80
N GLY B 143 -10.71 24.11 5.56
CA GLY B 143 -12.14 24.14 5.25
C GLY B 143 -12.81 25.50 5.50
N PHE B 144 -12.03 26.49 5.94
CA PHE B 144 -12.59 27.82 6.21
C PHE B 144 -11.96 28.85 5.27
N LYS B 145 -12.79 29.73 4.72
CA LYS B 145 -12.28 30.84 3.89
C LYS B 145 -11.34 31.76 4.69
N THR B 146 -10.18 32.03 4.11
CA THR B 146 -9.15 32.85 4.76
C THR B 146 -8.71 33.99 3.84
N LYS B 147 -9.34 34.09 2.68
CA LYS B 147 -9.05 35.11 1.67
C LYS B 147 -10.32 35.30 0.85
N ASP B 148 -10.87 36.51 0.91
CA ASP B 148 -12.12 36.85 0.23
C ASP B 148 -12.02 36.58 -1.25
N LEU B 149 -13.13 36.12 -1.80
CA LEU B 149 -13.29 36.03 -3.25
C LEU B 149 -13.06 37.40 -3.85
N GLU B 150 -12.21 37.46 -4.86
CA GLU B 150 -11.95 38.70 -5.57
C GLU B 150 -11.60 38.46 -7.04
N ILE B 151 -12.02 39.39 -7.89
CA ILE B 151 -11.56 39.43 -9.27
C ILE B 151 -10.10 39.88 -9.29
N ILE B 152 -9.20 39.01 -9.77
CA ILE B 152 -7.76 39.32 -9.82
C ILE B 152 -7.22 39.63 -11.22
N ASP B 153 -7.97 39.21 -12.24
CA ASP B 153 -7.62 39.49 -13.63
C ASP B 153 -8.86 39.47 -14.51
N ASN B 154 -8.66 39.83 -15.78
CA ASN B 154 -9.70 39.78 -16.79
C ASN B 154 -9.22 38.95 -17.93
N VAL B 155 -10.19 38.42 -18.67
CA VAL B 155 -9.98 37.36 -19.61
C VAL B 155 -11.14 37.50 -20.61
N GLY B 156 -11.04 36.92 -21.82
CA GLY B 156 -12.17 36.95 -22.77
C GLY B 156 -13.39 36.21 -22.20
N LYS B 157 -14.59 36.61 -22.63
CA LYS B 157 -15.80 35.99 -22.10
C LYS B 157 -15.89 34.48 -22.39
N LYS B 158 -15.22 34.02 -23.45
CA LYS B 158 -15.30 32.62 -23.88
C LYS B 158 -14.16 31.76 -23.26
N ASN B 159 -13.33 32.42 -22.47
CA ASN B 159 -12.27 31.79 -21.70
C ASN B 159 -12.73 31.46 -20.26
N THR B 160 -13.27 30.25 -20.11
CA THR B 160 -13.98 29.84 -18.90
C THR B 160 -13.32 28.60 -18.29
N GLY B 161 -13.63 28.29 -17.02
CA GLY B 161 -13.12 27.07 -16.42
C GLY B 161 -12.93 27.19 -14.94
N THR B 162 -12.61 26.05 -14.32
CA THR B 162 -12.32 26.03 -12.90
C THR B 162 -11.02 25.26 -12.67
N LYS B 163 -10.23 25.76 -11.74
CA LYS B 163 -8.97 25.16 -11.35
C LYS B 163 -8.85 25.22 -9.82
N ILE B 164 -8.63 24.05 -9.22
CA ILE B 164 -8.62 23.90 -7.77
C ILE B 164 -7.28 23.21 -7.46
N ARG B 165 -6.50 23.85 -6.60
CA ARG B 165 -5.28 23.27 -6.11
C ARG B 165 -5.47 23.08 -4.62
N PHE B 166 -5.18 21.86 -4.16
CA PHE B 166 -5.44 21.53 -2.73
C PHE B 166 -4.26 20.79 -2.09
N TRP B 167 -4.12 20.96 -0.77
CA TRP B 167 -2.96 20.44 -0.06
C TRP B 167 -3.48 19.55 1.02
N PRO B 168 -3.56 18.21 0.75
CA PRO B 168 -4.19 17.27 1.70
C PRO B 168 -3.50 17.30 3.08
N ASN B 169 -4.30 17.24 4.12
CA ASN B 169 -3.85 17.39 5.50
C ASN B 169 -3.35 16.05 6.03
N LYS B 170 -2.07 15.97 6.36
CA LYS B 170 -1.48 14.68 6.83
C LYS B 170 -2.25 13.96 7.97
N LYS B 171 -3.08 14.70 8.73
CA LYS B 171 -3.82 14.15 9.87
C LYS B 171 -4.90 13.17 9.50
N TYR B 172 -5.41 13.28 8.29
CA TYR B 172 -6.54 12.46 7.89
C TYR B 172 -6.13 11.29 7.04
N PHE B 173 -4.87 11.27 6.60
CA PHE B 173 -4.40 10.27 5.64
C PHE B 173 -3.29 9.35 6.13
N ASP B 174 -3.37 8.08 5.70
CA ASP B 174 -2.34 7.10 6.02
C ASP B 174 -1.05 7.49 5.35
N ASP B 175 -1.14 7.93 4.10
CA ASP B 175 0.00 8.35 3.31
C ASP B 175 -0.48 9.59 2.55
N ILE B 176 0.25 10.69 2.59
CA ILE B 176 -0.13 11.88 1.79
C ILE B 176 0.42 11.88 0.37
N LYS B 177 1.23 10.87 0.02
CA LYS B 177 1.75 10.72 -1.34
C LYS B 177 0.68 10.14 -2.27
N VAL B 178 0.49 10.82 -3.41
CA VAL B 178 -0.45 10.33 -4.39
C VAL B 178 0.09 9.03 -4.95
N ASN B 179 -0.80 8.07 -5.18
CA ASN B 179 -0.48 6.85 -5.91
C ASN B 179 -0.57 7.13 -7.43
N PHE B 180 0.60 7.38 -8.04
CA PHE B 180 0.70 7.78 -9.44
C PHE B 180 0.08 6.78 -10.37
N LYS B 181 0.39 5.52 -10.13
CA LYS B 181 -0.05 4.44 -11.01
C LYS B 181 -1.55 4.30 -10.98
N ALA B 182 -2.12 4.32 -9.78
CA ALA B 182 -3.60 4.24 -9.66
C ALA B 182 -4.26 5.45 -10.32
N LEU B 183 -3.66 6.62 -10.17
CA LEU B 183 -4.21 7.82 -10.78
C LEU B 183 -4.16 7.74 -12.33
N LYS B 184 -3.01 7.33 -12.87
CA LYS B 184 -2.87 7.16 -14.32
C LYS B 184 -3.84 6.14 -14.88
N ASN B 185 -4.11 5.07 -14.15
CA ASN B 185 -5.13 4.11 -14.55
C ASN B 185 -6.53 4.69 -14.55
N LEU B 186 -6.81 5.56 -13.58
CA LEU B 186 -8.11 6.19 -13.48
C LEU B 186 -8.24 7.17 -14.65
N LEU B 187 -7.24 8.03 -14.85
CA LEU B 187 -7.26 8.98 -15.97
C LEU B 187 -7.45 8.26 -17.32
N GLU B 188 -6.60 7.27 -17.62
CA GLU B 188 -6.80 6.47 -18.85
C GLU B 188 -8.22 5.91 -18.99
N ALA B 189 -8.75 5.27 -17.95
CA ALA B 189 -10.12 4.77 -17.97
C ALA B 189 -11.20 5.83 -18.22
N LYS B 190 -10.98 7.07 -17.77
CA LYS B 190 -11.96 8.15 -18.04
C LYS B 190 -11.98 8.51 -19.54
N ALA B 191 -10.79 8.63 -20.12
CA ALA B 191 -10.63 9.10 -21.49
C ALA B 191 -11.19 8.14 -22.53
N ILE B 192 -10.94 6.84 -22.37
CA ILE B 192 -11.47 5.86 -23.34
C ILE B 192 -13.01 5.75 -23.29
N LEU B 193 -13.63 6.25 -22.23
CA LEU B 193 -15.09 6.23 -22.14
C LEU B 193 -15.70 7.56 -22.61
N CYS B 194 -14.88 8.43 -23.18
CA CYS B 194 -15.33 9.78 -23.57
C CYS B 194 -14.40 10.35 -24.62
N LYS B 195 -14.70 10.13 -25.89
CA LYS B 195 -13.88 10.69 -26.99
C LYS B 195 -13.89 12.22 -27.01
N ALA B 196 -14.94 12.79 -26.41
CA ALA B 196 -15.11 14.23 -26.25
C ALA B 196 -14.13 14.87 -25.25
N LEU B 197 -13.26 14.07 -24.63
CA LEU B 197 -12.37 14.55 -23.54
C LEU B 197 -10.88 14.35 -23.78
N THR B 198 -10.08 15.38 -23.50
CA THR B 198 -8.63 15.29 -23.55
C THR B 198 -8.07 15.57 -22.15
N ILE B 199 -7.40 14.57 -21.58
CA ILE B 199 -6.79 14.67 -20.24
C ILE B 199 -5.28 14.85 -20.31
N LYS B 200 -4.78 15.80 -19.54
CA LYS B 200 -3.35 16.00 -19.40
C LYS B 200 -2.94 15.78 -17.95
N TYR B 201 -1.76 15.19 -17.79
CA TYR B 201 -1.22 14.83 -16.47
C TYR B 201 0.22 15.21 -16.42
N SER B 202 0.53 16.00 -15.41
CA SER B 202 1.85 16.49 -15.23
C SER B 202 2.31 16.16 -13.82
N ASN B 203 3.23 15.21 -13.76
CA ASN B 203 3.82 14.79 -12.52
C ASN B 203 5.18 15.45 -12.37
N GLU B 204 5.25 16.44 -11.48
CA GLU B 204 6.46 17.26 -11.30
C GLU B 204 7.42 16.63 -10.31
N ILE B 205 6.95 15.60 -9.62
CA ILE B 205 7.79 14.82 -8.72
C ILE B 205 8.73 13.96 -9.55
N LYS B 206 8.15 13.26 -10.53
CA LYS B 206 8.86 12.33 -11.38
C LYS B 206 9.14 12.91 -12.76
N LYS B 207 8.95 14.22 -12.91
CA LYS B 207 9.19 14.97 -14.16
C LYS B 207 8.65 14.20 -15.36
N GLU B 208 7.35 13.98 -15.33
CA GLU B 208 6.66 13.18 -16.32
C GLU B 208 5.39 13.90 -16.81
N LYS B 209 5.09 13.80 -18.11
CA LYS B 209 3.83 14.32 -18.69
C LYS B 209 3.13 13.30 -19.54
N LEU B 210 1.82 13.19 -19.40
CA LEU B 210 1.02 12.37 -20.29
C LEU B 210 -0.17 13.12 -20.82
N THR B 211 -0.64 12.68 -21.98
CA THR B 211 -1.85 13.19 -22.55
C THR B 211 -2.60 11.98 -23.02
N TRP B 212 -3.85 11.87 -22.61
CA TRP B 212 -4.78 10.90 -23.18
C TRP B 212 -5.83 11.61 -24.00
N HIS B 213 -6.06 11.10 -25.21
CA HIS B 213 -7.31 11.40 -25.91
C HIS B 213 -7.59 10.27 -26.85
N PHE B 214 -8.77 9.67 -26.69
CA PHE B 214 -9.14 8.49 -27.45
C PHE B 214 -10.29 8.82 -28.39
N GLU B 215 -9.93 9.24 -29.60
CA GLU B 215 -10.90 9.61 -30.63
C GLU B 215 -11.77 8.42 -31.00
N THR B 216 -11.13 7.30 -31.33
CA THR B 216 -11.82 6.05 -31.61
C THR B 216 -12.58 5.55 -30.38
N GLY B 217 -12.05 5.90 -29.21
CA GLY B 217 -12.72 5.65 -27.94
C GLY B 217 -12.52 4.22 -27.49
N LEU B 218 -13.64 3.51 -27.32
CA LEU B 218 -13.61 2.10 -26.95
C LEU B 218 -13.14 1.13 -28.05
N LYS B 219 -12.74 1.67 -29.20
CA LYS B 219 -12.26 0.84 -30.31
C LYS B 219 -10.79 0.45 -30.10
N GLY B 220 -10.54 -0.86 -30.18
CA GLY B 220 -9.17 -1.37 -30.03
C GLY B 220 -8.79 -1.84 -28.62
N TYR B 221 -9.72 -1.70 -27.68
CA TYR B 221 -9.49 -2.02 -26.28
C TYR B 221 -9.20 -3.52 -26.05
N LEU B 222 -10.23 -4.36 -26.19
CA LEU B 222 -10.15 -5.82 -26.00
C LEU B 222 -8.94 -6.51 -26.67
N ASP B 223 -8.66 -6.10 -27.91
CA ASP B 223 -7.61 -6.70 -28.73
C ASP B 223 -6.20 -6.42 -28.18
N HIS B 224 -6.02 -5.22 -27.63
CA HIS B 224 -4.75 -4.84 -27.01
C HIS B 224 -4.63 -5.50 -25.65
N LYS B 225 -5.73 -6.03 -25.14
CA LYS B 225 -5.78 -6.66 -23.81
C LYS B 225 -5.79 -8.19 -23.84
N LEU B 226 -6.50 -8.76 -24.81
CA LEU B 226 -6.62 -10.22 -24.96
C LEU B 226 -5.73 -10.73 -26.09
N ALA B 228 -4.66 -13.62 -26.78
CA ALA B 228 -5.60 -14.67 -27.16
C ALA B 228 -6.53 -14.20 -28.26
N GLU B 229 -6.63 -15.03 -29.31
CA GLU B 229 -7.54 -14.80 -30.44
C GLU B 229 -9.00 -14.71 -29.98
N THR B 230 -9.82 -14.07 -30.81
CA THR B 230 -11.17 -13.63 -30.45
C THR B 230 -12.16 -13.68 -31.64
N LEU B 231 -13.43 -13.94 -31.34
CA LEU B 231 -14.53 -13.81 -32.30
C LEU B 231 -15.73 -13.16 -31.59
N PRO B 232 -16.55 -12.37 -32.32
CA PRO B 232 -16.55 -12.00 -33.75
C PRO B 232 -15.45 -11.04 -34.20
N ALA B 233 -14.48 -10.77 -33.30
CA ALA B 233 -13.37 -9.83 -33.56
C ALA B 233 -13.81 -8.45 -34.11
N GLU B 234 -15.05 -8.06 -33.82
CA GLU B 234 -15.64 -6.80 -34.31
C GLU B 234 -16.64 -6.22 -33.31
N PRO B 258 -11.01 -17.94 -20.63
CA PRO B 258 -11.09 -17.43 -19.27
C PRO B 258 -9.73 -17.48 -18.58
N SER B 259 -9.05 -16.34 -18.50
CA SER B 259 -7.68 -16.27 -17.93
C SER B 259 -7.25 -14.83 -17.63
N GLU B 260 -7.67 -13.94 -18.52
CA GLU B 260 -7.53 -12.50 -18.32
C GLU B 260 -8.81 -11.83 -18.88
N SER B 261 -9.97 -12.42 -18.58
CA SER B 261 -11.27 -11.95 -19.11
C SER B 261 -11.74 -10.59 -18.55
N ILE B 262 -11.72 -9.57 -19.42
CA ILE B 262 -12.15 -8.19 -19.10
C ILE B 262 -13.67 -8.01 -19.20
N LYS B 263 -14.34 -7.73 -18.07
CA LYS B 263 -15.80 -7.38 -18.02
C LYS B 263 -16.11 -6.25 -16.99
N ASN B 264 -16.59 -5.09 -17.47
CA ASN B 264 -16.67 -3.87 -16.63
C ASN B 264 -17.95 -3.01 -16.75
N SER B 265 -18.44 -2.49 -15.62
CA SER B 265 -19.64 -1.60 -15.57
C SER B 265 -19.37 -0.17 -15.04
N TYR B 266 -19.88 0.84 -15.77
CA TYR B 266 -19.67 2.27 -15.48
C TYR B 266 -20.94 3.13 -15.56
N VAL B 267 -21.24 3.87 -14.49
CA VAL B 267 -22.29 4.89 -14.50
C VAL B 267 -21.65 6.29 -14.50
N ASN B 268 -21.89 7.04 -15.57
CA ASN B 268 -21.30 8.38 -15.81
C ASN B 268 -19.78 8.44 -15.66
N LEU B 269 -19.09 7.47 -16.28
CA LEU B 269 -17.63 7.35 -16.24
C LEU B 269 -17.06 6.92 -14.86
N ILE B 270 -17.96 6.54 -13.94
CA ILE B 270 -17.60 6.06 -12.61
C ILE B 270 -17.92 4.55 -12.49
N PRO B 271 -16.88 3.72 -12.28
CA PRO B 271 -16.94 2.24 -12.27
C PRO B 271 -18.27 1.62 -11.85
O29 19X C . 1.25 -27.21 17.13
C28 19X C . 1.09 -25.93 17.04
C22 19X C . 1.35 -25.27 15.76
C21 19X C . 1.75 -25.68 14.51
N27 19X C . 0.67 -25.09 18.04
C26 19X C . 0.60 -23.71 17.49
C23 19X C . 1.03 -23.88 16.10
C24 19X C . 1.14 -22.91 15.11
C25 19X C . 1.58 -23.34 13.84
C20 19X C . 1.86 -24.68 13.54
S19 19X C . 2.42 -25.15 12.00
C10 19X C . 1.73 -24.17 10.79
N11 19X C . 2.37 -24.22 9.59
C2 19X C . 1.87 -23.60 8.52
N9 19X C . 0.62 -23.47 11.02
C8 19X C . 0.00 -22.76 10.07
N13 19X C . -1.02 -21.94 10.48
C17 19X C . -1.43 -20.73 9.74
C16 19X C . -1.78 -19.72 10.85
N18 19X C . -0.63 -18.85 11.22
C15 19X C . -2.10 -20.62 12.04
C14 19X C . -1.50 -22.01 11.85
C3 19X C . 0.63 -22.81 8.73
C4 19X C . 0.47 -22.35 7.36
CL1 19X C . -0.94 -21.45 6.74
C5 19X C . 1.50 -22.83 6.44
N1 19X C . 2.28 -23.57 7.22
C6 19X C . 1.64 -22.47 4.96
C7 19X C . 1.91 -23.69 4.11
O29 19X D . -23.28 28.50 -14.49
C28 19X D . -23.64 27.35 -14.02
C22 19X D . -22.66 26.27 -13.84
C21 19X D . -21.30 26.10 -14.02
N27 19X D . -24.91 27.03 -13.68
C26 19X D . -24.92 25.63 -13.19
C23 19X D . -23.53 25.20 -13.31
C24 19X D . -22.98 23.96 -12.98
C25 19X D . -21.59 23.80 -13.19
C20 19X D . -20.78 24.84 -13.69
S19 19X D . -19.12 24.59 -13.94
C10 19X D . -18.37 23.78 -12.67
N11 19X D . -17.11 23.35 -12.93
C2 19X D . -16.38 22.72 -12.00
N9 19X D . -19.02 23.60 -11.49
C8 19X D . -18.43 22.99 -10.44
N13 19X D . -19.23 22.80 -9.28
C17 19X D . -19.00 21.70 -8.34
C16 19X D . -20.43 21.15 -8.24
N18 19X D . -20.66 20.10 -9.24
C15 19X D . -21.33 22.36 -8.51
C14 19X D . -20.49 23.51 -9.05
C3 19X D . -17.02 22.49 -10.68
C4 19X D . -15.93 21.78 -10.03
CL1 19X D . -15.97 21.23 -8.31
C5 19X D . -14.74 21.63 -10.88
N1 19X D . -15.12 22.21 -12.05
C6 19X D . -13.42 20.94 -10.54
C7 19X D . -12.26 21.89 -10.86
#